data_2XJ9
#
_entry.id   2XJ9
#
_cell.length_a   57.122
_cell.length_b   57.122
_cell.length_c   164.856
_cell.angle_alpha   90.00
_cell.angle_beta   90.00
_cell.angle_gamma   90.00
#
_symmetry.space_group_name_H-M   'P 41'
#
loop_
_entity.id
_entity.type
_entity.pdbx_description
1 polymer MIPZ
2 non-polymer 'MAGNESIUM ION'
3 non-polymer 'PHOSPHOTHIOPHOSPHORIC ACID-ADENYLATE ESTER'
4 water water
#
_entity_poly.entity_id   1
_entity_poly.type   'polypeptide(L)'
_entity_poly.pdbx_seq_one_letter_code
;MAETRVIVVGNEKGGAGKSTIAVHLVTALLYGGAKVAVIDLALRQRTSARFFENRRAWLDNKKIELPEPLALNLSDNDVA
LAERPEEEQVAGFEAAFARAMAECDFILIDTPGGDSAITRMAHGRADLVVTPMNDSFVDFDMLGTVDPVTLELTKPSLYS
LTVWEGRKQRALSGQRQAMDWVVLRNRLATTEARNRKRLEDRLNALAKRVGFRIGPGLRDRVIYRELFPFGLTIADLSPQ
VRPVPVSLQHLAARQELRALMHSLGLSAYSGETMLAAQGSHHHHHH
;
_entity_poly.pdbx_strand_id   A,B
#
loop_
_chem_comp.id
_chem_comp.type
_chem_comp.name
_chem_comp.formula
AGS non-polymer 'PHOSPHOTHIOPHOSPHORIC ACID-ADENYLATE ESTER' 'C10 H16 N5 O12 P3 S'
MG non-polymer 'MAGNESIUM ION' 'Mg 2'
#
# COMPACT_ATOMS: atom_id res chain seq x y z
N GLU A 3 24.64 20.79 3.83
CA GLU A 3 24.02 22.02 3.36
C GLU A 3 22.54 21.80 3.01
N THR A 4 21.70 21.69 4.04
CA THR A 4 20.28 21.40 3.86
C THR A 4 20.13 20.16 3.00
N ARG A 5 20.11 18.98 3.63
CA ARG A 5 19.95 17.73 2.88
C ARG A 5 18.50 17.29 2.70
N VAL A 6 18.23 16.68 1.55
CA VAL A 6 16.87 16.33 1.16
C VAL A 6 16.69 14.81 1.10
N ILE A 7 15.76 14.28 1.89
CA ILE A 7 15.47 12.83 1.88
C ILE A 7 14.11 12.52 1.27
N VAL A 8 14.13 11.71 0.22
CA VAL A 8 12.88 11.32 -0.40
C VAL A 8 12.56 9.87 -0.12
N VAL A 9 11.44 9.63 0.55
CA VAL A 9 10.98 8.28 0.85
C VAL A 9 10.14 7.75 -0.31
N GLY A 10 10.56 6.68 -0.95
CA GLY A 10 9.90 6.30 -2.17
C GLY A 10 9.74 4.83 -2.46
N ASN A 11 8.60 4.51 -3.04
CA ASN A 11 8.33 3.20 -3.61
C ASN A 11 6.98 3.33 -4.31
N GLU A 12 6.91 3.04 -5.61
CA GLU A 12 5.64 3.07 -6.31
C GLU A 12 4.61 2.07 -5.73
N LYS A 13 5.08 0.94 -5.19
CA LYS A 13 4.24 -0.05 -4.53
C LYS A 13 3.46 0.53 -3.35
N GLY A 14 2.18 0.18 -3.23
CA GLY A 14 1.38 0.68 -2.14
C GLY A 14 1.77 -0.09 -0.89
N GLY A 15 1.65 0.53 0.27
CA GLY A 15 1.85 -0.19 1.51
C GLY A 15 3.24 -0.69 1.77
N ALA A 16 4.21 -0.17 1.04
CA ALA A 16 5.60 -0.54 1.27
C ALA A 16 6.06 -0.09 2.64
N GLY A 17 5.38 0.90 3.23
CA GLY A 17 5.77 1.44 4.52
C GLY A 17 6.38 2.86 4.46
N LYS A 18 6.37 3.48 3.28
CA LYS A 18 6.88 4.82 3.08
C LYS A 18 6.51 5.80 4.17
N SER A 19 5.22 5.95 4.45
CA SER A 19 4.81 6.98 5.42
C SER A 19 5.25 6.64 6.82
N THR A 20 5.38 5.36 7.10
CA THR A 20 5.79 4.94 8.44
C THR A 20 7.29 5.21 8.69
N ILE A 21 8.12 4.88 7.71
CA ILE A 21 9.52 5.23 7.80
C ILE A 21 9.77 6.75 7.80
N ALA A 22 8.95 7.51 7.10
CA ALA A 22 9.17 8.94 7.04
C ALA A 22 8.82 9.59 8.37
N VAL A 23 7.69 9.22 8.94
CA VAL A 23 7.30 9.82 10.21
C VAL A 23 8.28 9.51 11.36
N HIS A 24 8.92 8.35 11.32
CA HIS A 24 9.88 7.96 12.34
C HIS A 24 11.26 8.59 12.08
N LEU A 25 11.61 8.77 10.80
CA LEU A 25 12.80 9.54 10.43
C LEU A 25 12.72 10.97 10.94
N VAL A 26 11.65 11.67 10.60
CA VAL A 26 11.45 13.01 11.11
C VAL A 26 11.58 13.05 12.62
N THR A 27 10.82 12.19 13.28
CA THR A 27 10.79 12.19 14.73
C THR A 27 12.17 11.92 15.35
N ALA A 28 12.97 11.04 14.75
CA ALA A 28 14.31 10.77 15.25
C ALA A 28 15.22 11.99 15.06
N LEU A 29 15.17 12.59 13.88
CA LEU A 29 15.93 13.81 13.58
C LEU A 29 15.62 14.95 14.53
N LEU A 30 14.36 15.34 14.60
CA LEU A 30 13.94 16.26 15.63
C LEU A 30 14.67 16.06 16.96
N TYR A 31 14.74 14.80 17.43
CA TYR A 31 15.31 14.47 18.73
C TYR A 31 16.84 14.36 18.68
N GLY A 32 17.41 14.59 17.51
CA GLY A 32 18.85 14.69 17.37
C GLY A 32 19.25 16.15 17.20
N GLY A 33 18.38 17.05 17.65
CA GLY A 33 18.65 18.46 17.52
C GLY A 33 18.33 19.11 16.18
N ALA A 34 18.28 18.32 15.11
CA ALA A 34 18.01 18.86 13.78
C ALA A 34 16.68 19.60 13.67
N LYS A 35 16.52 20.32 12.57
CA LYS A 35 15.35 21.15 12.37
C LYS A 35 14.70 20.72 11.07
N VAL A 36 13.65 19.91 11.17
CA VAL A 36 13.11 19.23 9.99
C VAL A 36 11.92 19.94 9.36
N ALA A 37 11.82 19.79 8.03
CA ALA A 37 10.60 20.15 7.30
C ALA A 37 9.98 18.89 6.70
N VAL A 38 8.67 18.76 6.83
CA VAL A 38 7.97 17.59 6.31
C VAL A 38 7.06 18.02 5.19
N ILE A 39 7.27 17.42 4.03
CA ILE A 39 6.43 17.67 2.88
C ILE A 39 5.79 16.36 2.45
N ASP A 40 4.45 16.35 2.38
CA ASP A 40 3.68 15.16 2.03
C ASP A 40 3.06 15.34 0.67
N LEU A 41 3.50 14.55 -0.31
CA LEU A 41 2.98 14.61 -1.66
C LEU A 41 1.88 13.58 -1.97
N ALA A 42 1.42 12.85 -0.96
CA ALA A 42 0.21 12.05 -1.11
C ALA A 42 -0.98 13.00 -0.87
N LEU A 43 -1.44 13.64 -1.93
CA LEU A 43 -2.28 14.81 -1.77
C LEU A 43 -3.59 14.49 -1.12
N ARG A 44 -4.18 13.35 -1.47
CA ARG A 44 -5.43 12.90 -0.83
C ARG A 44 -5.21 12.24 0.54
N GLN A 45 -4.43 11.15 0.57
CA GLN A 45 -4.23 10.42 1.83
C GLN A 45 -3.59 11.28 2.90
N ARG A 46 -2.44 11.86 2.55
CA ARG A 46 -1.78 12.82 3.40
C ARG A 46 -1.45 12.22 4.76
N THR A 47 -0.93 11.01 4.75
CA THR A 47 -0.62 10.30 6.00
C THR A 47 0.40 11.03 6.92
N SER A 48 1.51 11.48 6.37
CA SER A 48 2.50 12.20 7.18
C SER A 48 1.88 13.51 7.67
N ALA A 49 1.18 14.22 6.79
CA ALA A 49 0.49 15.47 7.18
C ALA A 49 -0.55 15.23 8.30
N ARG A 50 -1.40 14.22 8.11
CA ARG A 50 -2.32 13.78 9.15
C ARG A 50 -1.59 13.42 10.45
N PHE A 51 -0.45 12.73 10.35
CA PHE A 51 0.26 12.38 11.56
C PHE A 51 0.49 13.62 12.40
N PHE A 52 1.04 14.65 11.77
CA PHE A 52 1.47 15.85 12.49
C PHE A 52 0.33 16.80 12.86
N GLU A 53 -0.75 16.80 12.09
CA GLU A 53 -1.97 17.44 12.57
C GLU A 53 -2.47 16.81 13.88
N ASN A 54 -2.31 15.48 14.02
CA ASN A 54 -2.71 14.81 15.24
C ASN A 54 -1.75 15.12 16.38
N ARG A 55 -0.49 15.34 16.05
CA ARG A 55 0.53 15.65 17.06
C ARG A 55 0.24 17.02 17.62
N ARG A 56 0.13 17.96 16.71
CA ARG A 56 -0.32 19.31 16.99
C ARG A 56 -1.53 19.30 17.93
N ALA A 57 -2.64 18.72 17.49
CA ALA A 57 -3.87 18.68 18.28
C ALA A 57 -3.72 17.99 19.63
N TRP A 58 -2.86 16.97 19.69
CA TRP A 58 -2.66 16.21 20.92
C TRP A 58 -1.78 16.93 21.96
N LEU A 59 -0.56 17.29 21.57
CA LEU A 59 0.33 18.07 22.44
C LEU A 59 -0.38 19.29 23.00
N ASP A 60 -1.09 19.99 22.13
CA ASP A 60 -1.93 21.08 22.54
C ASP A 60 -2.86 20.69 23.70
N ASN A 61 -3.76 19.75 23.46
CA ASN A 61 -4.69 19.31 24.50
C ASN A 61 -4.03 18.89 25.82
N LYS A 62 -2.97 18.07 25.77
CA LYS A 62 -2.28 17.62 26.99
C LYS A 62 -1.35 18.70 27.55
N LYS A 63 -1.16 19.77 26.79
CA LYS A 63 -0.35 20.92 27.22
C LYS A 63 1.10 20.59 27.52
N ILE A 64 1.57 19.44 27.05
CA ILE A 64 2.98 19.12 27.18
C ILE A 64 3.72 19.60 25.93
N GLU A 65 5.05 19.52 25.93
CA GLU A 65 5.84 20.06 24.83
C GLU A 65 6.82 19.05 24.26
N LEU A 66 6.85 18.99 22.93
CA LEU A 66 7.71 18.05 22.25
C LEU A 66 8.08 18.69 20.95
N PRO A 67 9.18 18.24 20.36
CA PRO A 67 9.64 18.76 19.07
C PRO A 67 8.58 18.54 17.99
N GLU A 68 8.28 19.58 17.20
CA GLU A 68 7.43 19.42 16.02
C GLU A 68 8.19 19.79 14.75
N PRO A 69 7.97 19.06 13.65
CA PRO A 69 8.71 19.45 12.46
C PRO A 69 8.10 20.71 11.90
N LEU A 70 8.50 21.12 10.71
CA LEU A 70 7.85 22.21 10.03
C LEU A 70 7.02 21.64 8.88
N ALA A 71 5.79 21.23 9.18
CA ALA A 71 4.87 20.65 8.20
C ALA A 71 4.45 21.67 7.13
N LEU A 72 4.54 21.26 5.86
CA LEU A 72 4.33 22.18 4.74
C LEU A 72 3.32 21.67 3.72
N ASN A 73 2.27 22.44 3.51
CA ASN A 73 1.26 22.06 2.53
C ASN A 73 1.48 22.81 1.25
N LEU A 74 1.05 22.22 0.14
CA LEU A 74 1.12 22.93 -1.12
C LEU A 74 -0.06 23.92 -1.28
N SER A 75 -1.24 23.58 -0.73
CA SER A 75 -2.42 24.44 -0.78
C SER A 75 -2.92 24.79 0.60
N ASP A 76 -4.13 25.33 0.65
CA ASP A 76 -4.85 25.52 1.91
C ASP A 76 -5.77 24.34 2.00
N ASN A 77 -5.77 23.56 0.92
CA ASN A 77 -6.54 22.33 0.80
C ASN A 77 -5.96 21.45 -0.31
N ASP A 78 -5.18 20.43 0.07
CA ASP A 78 -4.45 19.60 -0.90
C ASP A 78 -5.33 18.52 -1.49
N VAL A 79 -6.29 18.05 -0.70
CA VAL A 79 -7.23 17.07 -1.20
C VAL A 79 -7.86 17.65 -2.44
N ALA A 80 -8.18 18.95 -2.37
CA ALA A 80 -8.74 19.73 -3.47
C ALA A 80 -7.74 19.88 -4.59
N LEU A 81 -6.53 20.31 -4.24
CA LEU A 81 -5.42 20.42 -5.19
C LEU A 81 -5.16 19.13 -5.99
N ALA A 82 -5.49 17.98 -5.39
CA ALA A 82 -5.27 16.71 -6.06
C ALA A 82 -6.03 16.66 -7.37
N GLU A 83 -7.09 17.46 -7.45
CA GLU A 83 -7.98 17.51 -8.61
C GLU A 83 -7.53 18.46 -9.74
N ARG A 84 -6.85 19.56 -9.39
CA ARG A 84 -6.35 20.48 -10.40
C ARG A 84 -5.31 19.76 -11.24
N PRO A 85 -4.88 20.38 -12.36
CA PRO A 85 -3.86 19.84 -13.27
C PRO A 85 -2.45 19.76 -12.68
N GLU A 86 -1.61 18.87 -13.25
CA GLU A 86 -0.22 18.70 -12.81
C GLU A 86 0.43 20.06 -12.52
N GLU A 87 0.49 20.92 -13.53
CA GLU A 87 1.06 22.26 -13.36
C GLU A 87 0.78 22.94 -12.01
N GLU A 88 -0.49 22.98 -11.60
CA GLU A 88 -0.80 23.65 -10.34
C GLU A 88 -0.20 22.91 -9.16
N GLN A 89 -0.17 21.59 -9.24
CA GLN A 89 0.40 20.79 -8.16
C GLN A 89 1.88 21.08 -8.05
N VAL A 90 2.57 20.99 -9.19
CA VAL A 90 3.99 21.33 -9.28
C VAL A 90 4.29 22.73 -8.75
N ALA A 91 3.44 23.70 -9.10
CA ALA A 91 3.60 25.07 -8.60
C ALA A 91 3.57 25.10 -7.08
N GLY A 92 2.59 24.41 -6.49
CA GLY A 92 2.49 24.23 -5.04
C GLY A 92 3.71 23.59 -4.41
N PHE A 93 4.20 22.50 -5.02
CA PHE A 93 5.45 21.88 -4.57
C PHE A 93 6.53 22.95 -4.48
N GLU A 94 6.84 23.56 -5.63
CA GLU A 94 7.75 24.69 -5.76
C GLU A 94 7.78 25.58 -4.54
N ALA A 95 6.66 26.25 -4.30
CA ALA A 95 6.46 27.09 -3.12
C ALA A 95 6.91 26.41 -1.83
N ALA A 96 6.45 25.19 -1.61
CA ALA A 96 6.75 24.49 -0.37
C ALA A 96 8.23 24.08 -0.28
N PHE A 97 8.80 23.57 -1.37
CA PHE A 97 10.20 23.16 -1.34
C PHE A 97 11.09 24.37 -1.15
N ALA A 98 11.04 25.30 -2.09
CA ALA A 98 11.77 26.54 -1.97
C ALA A 98 11.70 27.10 -0.54
N ARG A 99 10.50 27.18 0.02
CA ARG A 99 10.35 27.77 1.34
C ARG A 99 11.01 26.96 2.46
N ALA A 100 11.29 25.70 2.20
CA ALA A 100 11.87 24.83 3.22
C ALA A 100 13.39 24.81 3.12
N MET A 101 13.88 25.00 1.90
CA MET A 101 15.31 25.19 1.66
C MET A 101 15.87 26.25 2.60
N ALA A 102 15.12 27.33 2.73
CA ALA A 102 15.48 28.41 3.63
C ALA A 102 15.67 27.90 5.05
N GLU A 103 14.56 27.48 5.64
CA GLU A 103 14.44 27.38 7.10
C GLU A 103 14.87 26.07 7.79
N CYS A 104 15.45 25.14 7.05
CA CYS A 104 15.64 23.79 7.59
C CYS A 104 16.91 23.03 7.16
N ASP A 105 17.35 22.11 8.02
CA ASP A 105 18.55 21.30 7.76
C ASP A 105 18.21 20.07 6.93
N PHE A 106 17.06 19.47 7.21
CA PHE A 106 16.59 18.33 6.44
C PHE A 106 15.21 18.59 5.87
N ILE A 107 15.01 18.15 4.65
CA ILE A 107 13.68 18.12 4.06
C ILE A 107 13.25 16.69 3.83
N LEU A 108 12.24 16.27 4.57
CA LEU A 108 11.70 14.94 4.45
C LEU A 108 10.50 14.95 3.52
N ILE A 109 10.62 14.27 2.40
CA ILE A 109 9.48 14.17 1.50
C ILE A 109 8.91 12.77 1.45
N ASP A 110 7.64 12.65 1.86
CA ASP A 110 6.93 11.38 1.71
C ASP A 110 6.16 11.36 0.41
N THR A 111 6.33 10.29 -0.37
CA THR A 111 5.63 10.23 -1.66
C THR A 111 4.53 9.17 -1.65
N PRO A 112 3.61 9.23 -2.64
CA PRO A 112 2.46 8.36 -2.75
C PRO A 112 2.82 7.10 -3.55
N GLY A 113 1.91 6.13 -3.60
CA GLY A 113 2.20 4.85 -4.20
C GLY A 113 1.73 4.74 -5.63
N GLY A 114 1.93 5.78 -6.39
CA GLY A 114 1.74 5.71 -7.82
C GLY A 114 2.75 6.63 -8.46
N ASP A 115 2.40 7.13 -9.62
CA ASP A 115 3.28 8.00 -10.38
C ASP A 115 2.67 9.39 -10.53
N SER A 116 3.51 10.43 -10.52
CA SER A 116 3.03 11.79 -10.71
C SER A 116 4.15 12.76 -11.01
N ALA A 117 3.78 13.97 -11.38
CA ALA A 117 4.80 14.96 -11.73
C ALA A 117 5.58 15.30 -10.49
N ILE A 118 4.88 15.69 -9.42
CA ILE A 118 5.58 16.12 -8.23
C ILE A 118 6.43 14.99 -7.66
N THR A 119 5.92 13.77 -7.72
CA THR A 119 6.74 12.64 -7.35
C THR A 119 8.03 12.58 -8.15
N ARG A 120 7.95 12.60 -9.47
CA ARG A 120 9.15 12.58 -10.31
C ARG A 120 10.09 13.75 -10.03
N MET A 121 9.52 14.90 -9.69
CA MET A 121 10.29 16.09 -9.40
C MET A 121 11.09 15.93 -8.13
N ALA A 122 10.52 15.18 -7.18
CA ALA A 122 11.16 15.02 -5.90
C ALA A 122 12.33 14.06 -6.03
N HIS A 123 12.25 13.12 -6.95
CA HIS A 123 13.30 12.12 -7.03
C HIS A 123 14.55 12.76 -7.63
N GLY A 124 14.34 13.79 -8.44
CA GLY A 124 15.43 14.50 -9.06
C GLY A 124 16.14 15.52 -8.18
N ARG A 125 15.54 15.90 -7.05
CA ARG A 125 16.16 16.85 -6.14
C ARG A 125 16.59 16.22 -4.83
N ALA A 126 16.78 14.91 -4.83
CA ALA A 126 17.02 14.17 -3.59
C ALA A 126 18.48 13.73 -3.42
N ASP A 127 18.93 13.74 -2.18
CA ASP A 127 20.28 13.36 -1.82
C ASP A 127 20.26 11.90 -1.44
N LEU A 128 19.23 11.52 -0.69
CA LEU A 128 18.99 10.13 -0.34
C LEU A 128 17.58 9.68 -0.75
N VAL A 129 17.47 8.49 -1.28
CA VAL A 129 16.18 7.89 -1.54
C VAL A 129 16.02 6.65 -0.67
N VAL A 130 15.24 6.75 0.39
CA VAL A 130 14.94 5.60 1.24
C VAL A 130 13.75 4.85 0.67
N THR A 131 13.94 3.59 0.29
CA THR A 131 12.88 2.80 -0.36
C THR A 131 12.54 1.53 0.43
N PRO A 132 11.58 1.63 1.35
CA PRO A 132 11.20 0.49 2.17
C PRO A 132 10.36 -0.43 1.34
N MET A 133 10.47 -1.73 1.53
CA MET A 133 9.59 -2.64 0.82
C MET A 133 9.18 -3.83 1.70
N ASN A 134 8.08 -4.50 1.32
CA ASN A 134 7.68 -5.72 1.99
C ASN A 134 8.55 -6.86 1.53
N ASP A 135 8.76 -7.81 2.43
CA ASP A 135 9.45 -9.04 2.16
C ASP A 135 8.53 -9.91 1.29
N SER A 136 8.54 -9.69 0.00
CA SER A 136 7.50 -10.26 -0.85
C SER A 136 7.77 -10.01 -2.32
N PHE A 137 7.54 -11.03 -3.13
CA PHE A 137 7.74 -10.91 -4.56
C PHE A 137 6.75 -9.99 -5.25
N VAL A 138 5.63 -9.76 -4.61
CA VAL A 138 4.64 -8.82 -5.10
C VAL A 138 5.21 -7.42 -5.06
N ASP A 139 5.87 -7.06 -3.95
CA ASP A 139 6.55 -5.76 -3.87
C ASP A 139 7.73 -5.74 -4.83
N PHE A 140 8.54 -6.78 -4.79
CA PHE A 140 9.75 -6.84 -5.58
C PHE A 140 9.53 -6.57 -7.06
N ASP A 141 8.31 -6.79 -7.54
CA ASP A 141 8.05 -6.70 -8.98
C ASP A 141 8.03 -5.27 -9.50
N MET A 142 8.01 -4.29 -8.59
CA MET A 142 8.13 -2.88 -8.97
C MET A 142 9.59 -2.43 -8.99
N LEU A 143 10.48 -3.24 -8.43
CA LEU A 143 11.90 -2.99 -8.58
C LEU A 143 12.53 -3.74 -9.77
N GLY A 144 12.22 -5.02 -9.93
CA GLY A 144 12.82 -5.82 -10.98
C GLY A 144 11.97 -7.00 -11.41
N THR A 145 12.04 -7.34 -12.69
CA THR A 145 11.26 -8.43 -13.23
C THR A 145 11.99 -9.76 -13.16
N VAL A 146 11.34 -10.73 -12.50
CA VAL A 146 11.85 -12.08 -12.37
C VAL A 146 11.12 -13.07 -13.31
N ASP A 147 11.87 -14.04 -13.82
CA ASP A 147 11.34 -15.11 -14.68
C ASP A 147 10.57 -16.22 -13.90
N PRO A 148 9.39 -16.67 -14.42
CA PRO A 148 8.56 -17.65 -13.68
C PRO A 148 9.27 -18.99 -13.40
N LEU A 151 15.12 -19.31 -14.93
CA LEU A 151 14.45 -19.43 -13.62
C LEU A 151 14.43 -18.16 -12.76
N GLU A 152 15.24 -17.14 -13.12
CA GLU A 152 15.32 -15.90 -12.33
C GLU A 152 15.62 -14.59 -13.11
N LEU A 153 16.16 -13.57 -12.41
CA LEU A 153 16.13 -12.12 -12.79
C LEU A 153 16.60 -11.67 -14.19
N THR A 154 15.72 -10.92 -14.86
CA THR A 154 15.93 -10.53 -16.24
C THR A 154 16.14 -9.01 -16.48
N LYS A 155 15.49 -8.15 -15.69
CA LYS A 155 15.55 -6.71 -15.99
C LYS A 155 15.04 -5.79 -14.88
N PRO A 156 15.51 -4.55 -14.86
CA PRO A 156 14.98 -3.56 -13.93
C PRO A 156 13.52 -3.33 -14.24
N SER A 157 12.81 -2.65 -13.35
CA SER A 157 11.37 -2.47 -13.50
C SER A 157 10.87 -1.08 -13.11
N LEU A 158 9.59 -0.84 -13.39
CA LEU A 158 8.98 0.49 -13.33
C LEU A 158 9.60 1.51 -12.36
N TYR A 159 9.79 1.12 -11.11
CA TYR A 159 10.21 2.08 -10.10
C TYR A 159 11.71 2.27 -10.10
N SER A 160 12.44 1.21 -10.42
CA SER A 160 13.88 1.32 -10.60
C SER A 160 14.15 2.43 -11.56
N LEU A 161 13.43 2.41 -12.69
CA LEU A 161 13.58 3.46 -13.72
C LEU A 161 13.25 4.86 -13.19
N THR A 162 12.20 4.97 -12.39
CA THR A 162 11.85 6.25 -11.80
C THR A 162 13.04 6.89 -11.06
N VAL A 163 13.83 6.09 -10.37
CA VAL A 163 14.95 6.64 -9.61
C VAL A 163 16.15 6.86 -10.53
N TRP A 164 16.29 5.98 -11.52
CA TRP A 164 17.36 6.02 -12.49
C TRP A 164 17.25 7.29 -13.32
N GLU A 165 16.04 7.81 -13.48
CA GLU A 165 15.82 9.03 -14.24
C GLU A 165 15.91 10.25 -13.33
N GLY A 166 15.65 10.04 -12.05
CA GLY A 166 15.79 11.11 -11.09
C GLY A 166 17.26 11.36 -10.81
N ARG A 167 18.13 10.51 -11.37
CA ARG A 167 19.57 10.73 -11.27
C ARG A 167 20.01 11.47 -12.49
N LYS A 168 19.63 10.97 -13.66
CA LYS A 168 19.91 11.70 -14.89
C LYS A 168 19.42 13.15 -14.81
N GLN A 169 18.39 13.41 -13.99
CA GLN A 169 17.90 14.77 -13.80
C GLN A 169 18.71 15.52 -12.75
N ARG A 170 19.49 14.78 -11.96
CA ARG A 170 20.45 15.40 -11.06
C ARG A 170 21.81 15.57 -11.75
N ALA A 171 21.92 14.98 -12.93
CA ALA A 171 23.13 15.11 -13.73
C ALA A 171 22.95 16.18 -14.80
N LEU A 172 22.32 17.28 -14.40
CA LEU A 172 22.28 18.50 -15.21
C LEU A 172 22.81 19.58 -14.31
N SER A 173 22.59 19.38 -13.01
CA SER A 173 23.08 20.28 -11.98
C SER A 173 24.38 19.73 -11.39
N GLY A 174 24.93 18.71 -12.05
CA GLY A 174 26.19 18.11 -11.68
C GLY A 174 26.52 18.18 -10.21
N GLN A 175 25.84 17.33 -9.45
CA GLN A 175 26.14 17.16 -8.05
C GLN A 175 27.17 16.05 -7.94
N ARG A 176 28.40 16.42 -7.63
CA ARG A 176 29.44 15.43 -7.50
C ARG A 176 28.96 14.44 -6.44
N GLN A 177 28.52 14.97 -5.31
CA GLN A 177 27.86 14.19 -4.27
C GLN A 177 26.63 13.51 -4.88
N ALA A 178 26.83 12.33 -5.47
CA ALA A 178 25.73 11.60 -6.11
C ALA A 178 24.58 11.33 -5.15
N MET A 179 23.54 10.67 -5.65
CA MET A 179 22.40 10.29 -4.82
C MET A 179 22.64 8.94 -4.17
N ASP A 180 22.51 8.87 -2.85
CA ASP A 180 22.51 7.58 -2.15
C ASP A 180 21.11 6.92 -2.28
N TRP A 181 21.08 5.61 -2.56
CA TRP A 181 19.81 4.92 -2.66
C TRP A 181 19.79 3.69 -1.77
N VAL A 182 18.91 3.67 -0.78
CA VAL A 182 18.84 2.54 0.15
C VAL A 182 17.52 1.80 0.15
N VAL A 183 17.54 0.52 -0.17
CA VAL A 183 16.33 -0.32 -0.11
C VAL A 183 16.31 -1.15 1.18
N LEU A 184 15.37 -0.90 2.08
CA LEU A 184 15.29 -1.76 3.26
C LEU A 184 14.01 -2.53 3.36
N ARG A 185 14.07 -3.73 3.95
CA ARG A 185 12.91 -4.60 4.05
C ARG A 185 12.12 -4.34 5.32
N ASN A 186 10.82 -4.11 5.16
CA ASN A 186 10.00 -3.61 6.23
C ASN A 186 8.86 -4.60 6.58
N ARG A 187 8.28 -4.47 7.78
CA ARG A 187 7.28 -5.43 8.25
C ARG A 187 7.73 -6.89 8.21
N LEU A 188 8.97 -7.13 8.59
CA LEU A 188 9.46 -8.49 8.68
C LEU A 188 8.73 -9.24 9.80
N ALA A 189 8.45 -10.53 9.55
CA ALA A 189 7.82 -11.38 10.51
C ALA A 189 8.78 -12.49 10.92
N THR A 190 8.23 -13.51 11.57
CA THR A 190 8.99 -14.63 12.16
C THR A 190 9.76 -15.56 11.20
N THR A 191 9.07 -16.58 10.69
CA THR A 191 9.71 -17.67 9.94
C THR A 191 10.15 -17.27 8.53
N ALA A 193 11.49 -18.19 6.16
CA ALA A 193 12.90 -18.48 5.85
C ALA A 193 13.13 -18.72 4.36
N ARG A 194 12.41 -19.68 3.80
CA ARG A 194 12.57 -20.06 2.40
C ARG A 194 12.34 -18.87 1.46
N ASN A 195 11.22 -18.17 1.67
CA ASN A 195 10.84 -16.98 0.86
C ASN A 195 11.80 -15.82 1.10
N ARG A 196 12.23 -15.63 2.36
CA ARG A 196 13.16 -14.57 2.73
C ARG A 196 14.54 -14.76 2.10
N LYS A 197 14.83 -16.02 1.76
CA LYS A 197 16.09 -16.34 1.13
C LYS A 197 16.01 -16.14 -0.38
N ARG A 198 15.04 -16.79 -1.03
CA ARG A 198 14.89 -16.65 -2.46
C ARG A 198 14.87 -15.17 -2.80
N LEU A 199 14.24 -14.37 -1.93
CA LEU A 199 14.08 -12.96 -2.20
C LEU A 199 15.42 -12.28 -2.00
N GLU A 200 16.11 -12.61 -0.92
CA GLU A 200 17.36 -11.92 -0.60
C GLU A 200 18.38 -12.06 -1.73
N ASP A 201 18.38 -13.19 -2.41
CA ASP A 201 19.26 -13.37 -3.55
C ASP A 201 18.96 -12.36 -4.65
N ARG A 202 17.72 -12.30 -5.12
CA ARG A 202 17.38 -11.40 -6.21
C ARG A 202 17.65 -9.97 -5.76
N LEU A 203 17.40 -9.70 -4.49
CA LEU A 203 17.58 -8.37 -3.94
C LEU A 203 19.01 -7.91 -4.16
N ASN A 204 19.96 -8.82 -3.97
CA ASN A 204 21.36 -8.48 -4.16
C ASN A 204 21.72 -8.34 -5.63
N ALA A 205 21.26 -9.27 -6.45
CA ALA A 205 21.58 -9.27 -7.87
C ALA A 205 21.16 -7.95 -8.46
N LEU A 206 19.95 -7.53 -8.09
CA LEU A 206 19.36 -6.29 -8.57
C LEU A 206 20.16 -5.07 -8.12
N ALA A 207 20.66 -5.10 -6.90
CA ALA A 207 21.47 -4.01 -6.37
C ALA A 207 22.64 -3.73 -7.30
N LYS A 208 23.35 -4.78 -7.68
CA LYS A 208 24.47 -4.63 -8.62
C LYS A 208 24.05 -4.03 -9.96
N ARG A 209 22.86 -4.37 -10.43
CA ARG A 209 22.41 -3.88 -11.72
C ARG A 209 21.94 -2.43 -11.67
N VAL A 210 21.37 -2.03 -10.54
CA VAL A 210 20.60 -0.79 -10.46
C VAL A 210 21.21 0.26 -9.55
N GLY A 211 22.13 -0.15 -8.70
CA GLY A 211 22.86 0.79 -7.87
C GLY A 211 22.16 1.30 -6.62
N PHE A 212 21.60 0.37 -5.85
CA PHE A 212 21.23 0.71 -4.49
C PHE A 212 21.97 -0.22 -3.52
N ARG A 213 21.91 0.12 -2.24
CA ARG A 213 22.47 -0.71 -1.22
C ARG A 213 21.40 -1.05 -0.19
N ILE A 214 21.42 -2.29 0.27
CA ILE A 214 20.39 -2.75 1.18
C ILE A 214 20.63 -2.28 2.60
N GLY A 215 19.57 -1.77 3.23
CA GLY A 215 19.63 -1.37 4.62
C GLY A 215 18.94 -2.39 5.51
N PRO A 216 19.07 -2.19 6.83
CA PRO A 216 18.50 -3.06 7.87
C PRO A 216 16.98 -2.95 7.93
N GLY A 217 16.30 -4.09 8.05
CA GLY A 217 14.84 -4.10 8.09
C GLY A 217 14.21 -3.59 9.38
N LEU A 218 12.96 -3.14 9.29
CA LEU A 218 12.11 -3.06 10.46
C LEU A 218 11.22 -4.30 10.54
N ARG A 219 10.74 -4.62 11.72
CA ARG A 219 9.88 -5.78 11.85
C ARG A 219 8.49 -5.31 12.10
N ASP A 220 7.52 -6.15 11.77
CA ASP A 220 6.12 -5.87 12.04
C ASP A 220 5.96 -5.63 13.55
N ARG A 221 5.46 -4.48 13.94
CA ARG A 221 5.39 -4.14 15.34
C ARG A 221 4.29 -3.14 15.62
N VAL A 222 3.35 -3.54 16.45
CA VAL A 222 2.25 -2.69 16.85
C VAL A 222 2.65 -1.24 17.17
N ILE A 223 3.81 -1.09 17.80
CA ILE A 223 4.25 0.21 18.29
C ILE A 223 4.58 1.15 17.11
N TYR A 224 4.79 0.57 15.94
CA TYR A 224 5.08 1.37 14.75
C TYR A 224 3.81 1.95 14.12
N ARG A 225 2.67 1.61 14.70
CA ARG A 225 1.41 1.83 14.00
C ARG A 225 0.36 2.27 14.98
N GLU A 226 0.63 1.99 16.24
CA GLU A 226 -0.37 2.07 17.30
C GLU A 226 -0.59 3.50 17.77
N LEU A 227 0.40 4.37 17.57
CA LEU A 227 0.36 5.72 18.10
C LEU A 227 -0.07 6.78 17.07
N PHE A 228 -0.41 6.32 15.87
CA PHE A 228 -0.76 7.26 14.82
C PHE A 228 -1.87 8.23 15.20
N PRO A 229 -2.87 7.75 15.93
CA PRO A 229 -3.96 8.69 16.23
C PRO A 229 -3.53 9.87 17.10
N PHE A 230 -2.42 9.73 17.83
CA PHE A 230 -1.93 10.77 18.72
C PHE A 230 -0.85 11.60 18.07
N GLY A 231 -0.33 11.09 16.96
CA GLY A 231 0.79 11.73 16.32
C GLY A 231 1.99 11.65 17.23
N LEU A 232 2.31 10.45 17.70
CA LEU A 232 3.49 10.22 18.51
C LEU A 232 4.25 9.00 17.95
N THR A 233 5.48 8.80 18.40
CA THR A 233 6.26 7.61 18.02
C THR A 233 7.02 7.09 19.24
N ILE A 234 7.77 5.99 19.09
CA ILE A 234 8.56 5.46 20.21
C ILE A 234 9.52 6.50 20.75
N ALA A 235 10.05 7.33 19.85
CA ALA A 235 11.02 8.33 20.22
C ALA A 235 10.43 9.36 21.20
N ASP A 236 9.12 9.32 21.40
CA ASP A 236 8.45 10.24 22.31
C ASP A 236 8.17 9.63 23.68
N LEU A 237 8.38 8.34 23.82
CA LEU A 237 7.88 7.64 24.99
C LEU A 237 8.79 7.64 26.21
N SER A 238 8.99 8.85 26.73
CA SER A 238 9.52 9.04 28.09
C SER A 238 8.43 8.86 29.15
N PRO A 239 8.86 8.78 30.43
CA PRO A 239 8.03 8.73 31.64
C PRO A 239 6.84 9.69 31.62
N GLN A 240 7.01 10.88 31.02
CA GLN A 240 5.95 11.88 30.99
C GLN A 240 4.89 11.56 29.96
N VAL A 241 5.36 11.15 28.78
CA VAL A 241 4.50 10.77 27.67
C VAL A 241 4.22 9.28 27.71
N ARG A 242 2.99 8.91 28.05
CA ARG A 242 2.62 7.50 28.11
C ARG A 242 1.13 7.28 27.94
N PRO A 243 0.66 7.32 26.69
CA PRO A 243 -0.74 7.07 26.37
C PRO A 243 -0.96 5.57 26.22
N VAL A 244 0.14 4.83 26.27
CA VAL A 244 0.12 3.40 26.00
C VAL A 244 1.11 2.59 26.86
N PRO A 245 0.61 1.52 27.50
CA PRO A 245 1.45 0.73 28.43
C PRO A 245 2.71 0.24 27.72
N VAL A 246 3.84 0.20 28.43
CA VAL A 246 5.10 -0.24 27.83
C VAL A 246 5.14 -1.74 27.56
N SER A 247 5.89 -2.09 26.53
CA SER A 247 6.10 -3.48 26.17
C SER A 247 7.60 -3.71 26.16
N LEU A 248 8.02 -4.97 26.22
CA LEU A 248 9.42 -5.28 26.06
C LEU A 248 9.83 -4.84 24.66
N GLN A 249 8.90 -5.00 23.71
CA GLN A 249 9.10 -4.59 22.31
C GLN A 249 9.77 -3.20 22.11
N HIS A 250 9.54 -2.25 23.01
CA HIS A 250 10.03 -0.90 22.81
C HIS A 250 11.53 -0.87 22.58
N LEU A 251 12.27 -1.65 23.36
CA LEU A 251 13.72 -1.59 23.29
C LEU A 251 14.22 -2.14 21.97
N ALA A 252 13.68 -3.27 21.53
CA ALA A 252 14.07 -3.79 20.23
C ALA A 252 13.78 -2.78 19.13
N ALA A 253 12.69 -2.05 19.29
CA ALA A 253 12.24 -1.07 18.30
C ALA A 253 13.19 0.13 18.16
N ARG A 254 13.51 0.76 19.27
CA ARG A 254 14.37 1.93 19.22
C ARG A 254 15.74 1.47 18.75
N GLN A 255 16.03 0.19 19.01
CA GLN A 255 17.22 -0.44 18.44
C GLN A 255 17.26 -0.40 16.91
N GLU A 256 16.29 -1.03 16.26
CA GLU A 256 16.20 -1.06 14.80
C GLU A 256 16.22 0.31 14.18
N LEU A 257 15.50 1.23 14.80
CA LEU A 257 15.46 2.58 14.30
C LEU A 257 16.86 3.13 14.30
N ARG A 258 17.57 2.91 15.40
CA ARG A 258 18.95 3.39 15.51
C ARG A 258 19.82 2.76 14.43
N ALA A 259 19.80 1.44 14.32
CA ALA A 259 20.55 0.79 13.27
C ALA A 259 20.24 1.42 11.94
N LEU A 260 18.95 1.57 11.67
CA LEU A 260 18.49 2.22 10.45
C LEU A 260 19.14 3.58 10.24
N MET A 261 18.91 4.51 11.18
CA MET A 261 19.52 5.83 11.16
C MET A 261 21.02 5.83 10.80
N HIS A 262 21.77 4.89 11.35
CA HIS A 262 23.19 4.84 11.07
C HIS A 262 23.42 4.56 9.60
N SER A 263 22.82 3.48 9.15
CA SER A 263 22.91 3.01 7.78
C SER A 263 22.56 4.07 6.72
N LEU A 264 21.84 5.10 7.13
CA LEU A 264 21.52 6.18 6.23
C LEU A 264 22.49 7.33 6.44
N GLY A 265 23.50 7.08 7.27
CA GLY A 265 24.52 8.06 7.56
C GLY A 265 23.96 9.27 8.28
N LEU A 266 23.10 9.00 9.25
CA LEU A 266 22.58 10.07 10.09
C LEU A 266 22.99 9.79 11.53
N SER A 267 24.04 8.98 11.68
CA SER A 267 24.55 8.62 12.99
C SER A 267 24.67 9.89 13.86
N ALA A 268 25.02 11.00 13.22
CA ALA A 268 25.11 12.29 13.89
C ALA A 268 23.88 12.67 14.74
N TYR A 269 22.76 11.96 14.57
CA TYR A 269 21.49 12.35 15.22
C TYR A 269 20.77 11.28 16.05
N SER A 270 21.41 10.13 16.25
CA SER A 270 20.85 9.08 17.10
C SER A 270 21.04 9.38 18.58
N GLU B 3 -26.72 -14.56 -14.70
CA GLU B 3 -26.86 -13.19 -14.19
C GLU B 3 -25.55 -12.38 -14.33
N THR B 4 -24.42 -13.02 -14.07
CA THR B 4 -23.11 -12.37 -14.21
C THR B 4 -22.87 -11.34 -13.13
N ARG B 5 -22.36 -11.79 -11.99
CA ARG B 5 -22.10 -10.87 -10.88
C ARG B 5 -20.70 -10.23 -10.92
N VAL B 6 -20.63 -8.98 -10.47
CA VAL B 6 -19.40 -8.20 -10.53
C VAL B 6 -18.86 -7.90 -9.15
N ILE B 7 -17.62 -8.34 -8.90
CA ILE B 7 -16.96 -8.04 -7.63
C ILE B 7 -15.83 -7.05 -7.76
N VAL B 8 -15.96 -5.92 -7.06
CA VAL B 8 -14.89 -4.93 -7.01
C VAL B 8 -14.12 -4.96 -5.68
N VAL B 9 -12.83 -5.27 -5.78
CA VAL B 9 -11.94 -5.23 -4.62
C VAL B 9 -11.34 -3.83 -4.48
N GLY B 10 -11.64 -3.16 -3.37
CA GLY B 10 -11.31 -1.76 -3.26
C GLY B 10 -10.85 -1.29 -1.90
N ASN B 11 -9.90 -0.37 -1.95
CA ASN B 11 -9.44 0.43 -0.80
C ASN B 11 -8.50 1.46 -1.37
N GLU B 12 -8.77 2.73 -1.10
CA GLU B 12 -7.82 3.76 -1.54
C GLU B 12 -6.42 3.59 -0.93
N LYS B 13 -6.35 3.11 0.29
CA LYS B 13 -5.10 2.84 1.00
C LYS B 13 -4.20 1.85 0.25
N GLY B 14 -2.91 2.13 0.16
CA GLY B 14 -1.99 1.21 -0.49
C GLY B 14 -1.74 0.05 0.44
N GLY B 15 -1.44 -1.10 -0.14
CA GLY B 15 -1.08 -2.28 0.63
C GLY B 15 -2.15 -2.84 1.56
N ALA B 16 -3.40 -2.47 1.35
CA ALA B 16 -4.49 -3.03 2.14
C ALA B 16 -4.63 -4.55 1.89
N GLY B 17 -4.10 -5.03 0.78
CA GLY B 17 -4.19 -6.44 0.41
C GLY B 17 -5.12 -6.71 -0.76
N LYS B 18 -5.59 -5.65 -1.42
CA LYS B 18 -6.53 -5.78 -2.53
C LYS B 18 -6.13 -6.82 -3.56
N SER B 19 -4.92 -6.77 -4.08
CA SER B 19 -4.58 -7.70 -5.14
C SER B 19 -4.45 -9.13 -4.65
N THR B 20 -4.09 -9.30 -3.39
CA THR B 20 -3.96 -10.62 -2.81
C THR B 20 -5.33 -11.28 -2.61
N ILE B 21 -6.29 -10.55 -2.06
CA ILE B 21 -7.65 -11.08 -1.94
C ILE B 21 -8.28 -11.31 -3.31
N ALA B 22 -7.92 -10.53 -4.30
CA ALA B 22 -8.57 -10.72 -5.60
C ALA B 22 -8.05 -11.99 -6.28
N VAL B 23 -6.74 -12.16 -6.29
CA VAL B 23 -6.17 -13.33 -6.92
C VAL B 23 -6.62 -14.65 -6.28
N HIS B 24 -6.89 -14.64 -4.97
CA HIS B 24 -7.35 -15.84 -4.28
C HIS B 24 -8.86 -16.03 -4.45
N LEU B 25 -9.59 -14.93 -4.60
CA LEU B 25 -11.02 -15.01 -4.97
C LEU B 25 -11.21 -15.67 -6.32
N VAL B 26 -10.48 -15.17 -7.31
CA VAL B 26 -10.52 -15.75 -8.64
C VAL B 26 -10.20 -17.23 -8.57
N THR B 27 -9.08 -17.55 -7.96
CA THR B 27 -8.61 -18.91 -7.94
C THR B 27 -9.58 -19.84 -7.23
N ALA B 28 -10.29 -19.35 -6.21
CA ALA B 28 -11.27 -20.19 -5.52
C ALA B 28 -12.47 -20.42 -6.43
N LEU B 29 -12.94 -19.35 -7.08
CA LEU B 29 -14.12 -19.44 -7.95
C LEU B 29 -13.87 -20.42 -9.09
N LEU B 30 -12.80 -20.18 -9.82
CA LEU B 30 -12.35 -21.14 -10.82
C LEU B 30 -12.54 -22.60 -10.36
N TYR B 31 -12.10 -22.90 -9.14
CA TYR B 31 -12.16 -24.27 -8.60
C TYR B 31 -13.55 -24.63 -8.03
N GLY B 32 -14.50 -23.70 -8.14
CA GLY B 32 -15.87 -24.00 -7.78
C GLY B 32 -16.70 -24.10 -9.06
N GLY B 33 -16.01 -24.40 -10.17
CA GLY B 33 -16.70 -24.54 -11.44
C GLY B 33 -16.97 -23.24 -12.18
N ALA B 34 -16.99 -22.11 -11.48
CA ALA B 34 -17.30 -20.83 -12.11
C ALA B 34 -16.32 -20.46 -13.22
N LYS B 35 -16.70 -19.46 -14.02
CA LYS B 35 -15.92 -19.05 -15.17
C LYS B 35 -15.66 -17.58 -14.99
N VAL B 36 -14.45 -17.26 -14.53
CA VAL B 36 -14.12 -15.90 -14.09
C VAL B 36 -13.42 -15.03 -15.12
N ALA B 37 -13.68 -13.74 -15.06
CA ALA B 37 -12.92 -12.76 -15.82
C ALA B 37 -12.20 -11.86 -14.83
N VAL B 38 -10.94 -11.58 -15.11
CA VAL B 38 -10.14 -10.77 -14.21
C VAL B 38 -9.77 -9.51 -14.96
N ILE B 39 -10.15 -8.37 -14.38
CA ILE B 39 -9.79 -7.07 -14.92
C ILE B 39 -8.95 -6.30 -13.88
N ASP B 40 -7.74 -5.88 -14.28
CA ASP B 40 -6.81 -5.19 -13.40
C ASP B 40 -6.69 -3.72 -13.81
N LEU B 41 -7.17 -2.84 -12.94
CA LEU B 41 -7.14 -1.39 -13.18
C LEU B 41 -5.93 -0.66 -12.56
N ALA B 42 -4.99 -1.40 -11.97
CA ALA B 42 -3.71 -0.82 -11.58
C ALA B 42 -2.83 -0.86 -12.82
N LEU B 43 -2.92 0.21 -13.62
CA LEU B 43 -2.43 0.16 -14.99
C LEU B 43 -0.95 -0.06 -15.05
N ARG B 44 -0.20 0.57 -14.16
CA ARG B 44 1.23 0.34 -14.11
C ARG B 44 1.61 -0.93 -13.35
N GLN B 45 1.26 -1.02 -12.07
CA GLN B 45 1.65 -2.19 -11.26
C GLN B 45 1.16 -3.47 -11.88
N ARG B 46 -0.16 -3.55 -12.06
CA ARG B 46 -0.78 -4.68 -12.74
C ARG B 46 -0.49 -6.01 -12.03
N THR B 47 -0.66 -6.00 -10.71
CA THR B 47 -0.34 -7.16 -9.89
C THR B 47 -1.20 -8.39 -10.27
N SER B 48 -2.52 -8.24 -10.31
CA SER B 48 -3.36 -9.36 -10.73
C SER B 48 -2.98 -9.81 -12.14
N ALA B 49 -2.79 -8.86 -13.04
CA ALA B 49 -2.42 -9.21 -14.41
C ALA B 49 -1.09 -9.96 -14.45
N ARG B 50 -0.10 -9.45 -13.72
CA ARG B 50 1.19 -10.11 -13.60
C ARG B 50 1.02 -11.52 -13.01
N PHE B 51 0.17 -11.66 -12.01
CA PHE B 51 -0.01 -12.98 -11.40
C PHE B 51 -0.32 -13.99 -12.48
N PHE B 52 -1.28 -13.67 -13.34
CA PHE B 52 -1.81 -14.63 -14.29
C PHE B 52 -0.95 -14.79 -15.53
N GLU B 53 -0.17 -13.77 -15.87
CA GLU B 53 0.90 -13.97 -16.85
C GLU B 53 1.92 -14.99 -16.35
N ASN B 54 2.17 -15.00 -15.04
CA ASN B 54 3.10 -15.96 -14.44
C ASN B 54 2.52 -17.37 -14.38
N ARG B 55 1.20 -17.45 -14.21
CA ARG B 55 0.49 -18.72 -14.19
C ARG B 55 0.57 -19.32 -15.57
N ARG B 56 0.13 -18.53 -16.55
CA ARG B 56 0.24 -18.85 -17.97
C ARG B 56 1.62 -19.41 -18.27
N ALA B 57 2.66 -18.60 -18.06
CA ALA B 57 4.01 -19.01 -18.40
C ALA B 57 4.50 -20.23 -17.64
N TRP B 58 3.99 -20.41 -16.42
CA TRP B 58 4.40 -21.53 -15.59
C TRP B 58 3.72 -22.83 -16.01
N LEU B 59 2.40 -22.86 -15.97
CA LEU B 59 1.64 -24.06 -16.38
C LEU B 59 2.14 -24.54 -17.73
N ASP B 60 2.34 -23.57 -18.62
CA ASP B 60 2.88 -23.87 -19.93
C ASP B 60 4.18 -24.68 -19.82
N ASN B 61 5.21 -24.09 -19.22
CA ASN B 61 6.48 -24.79 -19.02
C ASN B 61 6.39 -26.18 -18.37
N LYS B 62 5.69 -26.31 -17.25
CA LYS B 62 5.54 -27.61 -16.59
C LYS B 62 4.55 -28.54 -17.32
N LYS B 63 3.82 -27.99 -18.30
CA LYS B 63 2.89 -28.76 -19.13
C LYS B 63 1.73 -29.43 -18.36
N ILE B 64 1.51 -28.97 -17.15
CA ILE B 64 0.34 -29.45 -16.42
C ILE B 64 -0.84 -28.52 -16.73
N GLU B 65 -2.02 -28.88 -16.23
CA GLU B 65 -3.22 -28.11 -16.54
C GLU B 65 -3.98 -27.70 -15.28
N LEU B 66 -4.40 -26.46 -15.27
CA LEU B 66 -5.16 -25.91 -14.16
C LEU B 66 -6.07 -24.84 -14.70
N PRO B 67 -7.15 -24.55 -13.97
CA PRO B 67 -8.10 -23.52 -14.37
C PRO B 67 -7.36 -22.18 -14.53
N GLU B 68 -7.64 -21.47 -15.61
CA GLU B 68 -7.18 -20.09 -15.77
C GLU B 68 -8.38 -19.15 -15.92
N PRO B 69 -8.30 -17.94 -15.33
CA PRO B 69 -9.42 -17.05 -15.55
C PRO B 69 -9.40 -16.53 -16.97
N LEU B 70 -10.22 -15.54 -17.27
CA LEU B 70 -10.15 -14.85 -18.55
C LEU B 70 -9.58 -13.46 -18.31
N ALA B 71 -8.26 -13.36 -18.28
CA ALA B 71 -7.56 -12.10 -18.04
C ALA B 71 -7.81 -11.07 -19.15
N LEU B 72 -8.15 -9.84 -18.77
CA LEU B 72 -8.54 -8.85 -19.75
C LEU B 72 -7.75 -7.54 -19.59
N ASN B 73 -7.10 -7.11 -20.66
CA ASN B 73 -6.38 -5.86 -20.64
C ASN B 73 -7.19 -4.80 -21.33
N LEU B 74 -6.96 -3.55 -20.97
CA LEU B 74 -7.59 -2.44 -21.67
C LEU B 74 -6.86 -2.10 -22.98
N SER B 75 -5.53 -2.25 -23.00
CA SER B 75 -4.71 -1.96 -24.20
C SER B 75 -3.92 -3.18 -24.63
N ASP B 76 -2.93 -2.94 -25.49
CA ASP B 76 -1.96 -3.97 -25.83
C ASP B 76 -0.74 -3.65 -24.98
N ASN B 77 -0.87 -2.54 -24.27
CA ASN B 77 0.14 -2.06 -23.34
C ASN B 77 -0.47 -1.05 -22.35
N ASP B 78 -0.78 -1.50 -21.13
CA ASP B 78 -1.52 -0.68 -20.16
C ASP B 78 -0.60 0.26 -19.39
N VAL B 79 0.62 -0.17 -19.17
CA VAL B 79 1.61 0.70 -18.59
C VAL B 79 1.67 2.00 -19.41
N ALA B 80 1.58 1.83 -20.71
CA ALA B 80 1.56 2.94 -21.67
C ALA B 80 0.25 3.72 -21.55
N LEU B 81 -0.85 2.98 -21.59
CA LEU B 81 -2.17 3.58 -21.42
C LEU B 81 -2.29 4.41 -20.14
N ALA B 82 -1.49 4.09 -19.13
CA ALA B 82 -1.56 4.82 -17.87
C ALA B 82 -1.26 6.29 -18.10
N GLU B 83 -0.55 6.56 -19.20
CA GLU B 83 -0.08 7.91 -19.55
C GLU B 83 -1.10 8.73 -20.34
N ARG B 84 -1.90 8.07 -21.19
CA ARG B 84 -2.91 8.79 -21.95
C ARG B 84 -3.93 9.37 -20.97
N PRO B 85 -4.82 10.25 -21.47
CA PRO B 85 -5.86 10.91 -20.67
C PRO B 85 -6.95 9.96 -20.14
N GLU B 86 -7.63 10.38 -19.07
CA GLU B 86 -8.72 9.60 -18.48
C GLU B 86 -9.60 8.94 -19.56
N GLU B 87 -10.22 9.77 -20.40
CA GLU B 87 -11.08 9.29 -21.50
C GLU B 87 -10.59 8.01 -22.19
N GLU B 88 -9.33 7.98 -22.60
CA GLU B 88 -8.84 6.79 -23.28
C GLU B 88 -8.84 5.58 -22.35
N GLN B 89 -8.53 5.82 -21.07
CA GLN B 89 -8.48 4.73 -20.10
C GLN B 89 -9.87 4.17 -19.95
N VAL B 90 -10.82 5.07 -19.72
CA VAL B 90 -12.24 4.72 -19.62
C VAL B 90 -12.74 3.96 -20.84
N ALA B 91 -12.35 4.42 -22.01
CA ALA B 91 -12.72 3.73 -23.23
C ALA B 91 -12.24 2.29 -23.17
N GLY B 92 -10.98 2.10 -22.78
CA GLY B 92 -10.41 0.76 -22.62
C GLY B 92 -11.21 -0.10 -21.65
N PHE B 93 -11.54 0.48 -20.51
CA PHE B 93 -12.29 -0.22 -19.50
C PHE B 93 -13.56 -0.74 -20.16
N GLU B 94 -14.32 0.20 -20.73
CA GLU B 94 -15.53 -0.07 -21.52
C GLU B 94 -15.46 -1.37 -22.31
N ALA B 95 -14.54 -1.38 -23.27
CA ALA B 95 -14.23 -2.55 -24.07
C ALA B 95 -14.09 -3.82 -23.23
N ALA B 96 -13.23 -3.77 -22.21
CA ALA B 96 -12.94 -4.93 -21.39
C ALA B 96 -14.15 -5.38 -20.56
N PHE B 97 -14.85 -4.43 -19.96
CA PHE B 97 -16.01 -4.78 -19.13
C PHE B 97 -17.10 -5.38 -20.00
N ALA B 98 -17.61 -4.58 -20.94
CA ALA B 98 -18.58 -5.06 -21.92
C ALA B 98 -18.25 -6.48 -22.42
N ARG B 99 -17.01 -6.67 -22.85
CA ARG B 99 -16.63 -7.97 -23.39
C ARG B 99 -16.64 -9.11 -22.37
N ALA B 100 -16.63 -8.78 -21.09
CA ALA B 100 -16.60 -9.82 -20.07
C ALA B 100 -18.01 -10.15 -19.60
N MET B 101 -18.90 -9.15 -19.68
CA MET B 101 -20.32 -9.34 -19.42
C MET B 101 -20.84 -10.50 -20.22
N ALA B 102 -20.42 -10.57 -21.49
CA ALA B 102 -20.77 -11.67 -22.37
C ALA B 102 -20.38 -13.00 -21.77
N GLU B 103 -19.07 -13.21 -21.68
CA GLU B 103 -18.49 -14.54 -21.58
C GLU B 103 -18.32 -15.14 -20.17
N CYS B 104 -18.80 -14.46 -19.13
CA CYS B 104 -18.42 -14.85 -17.76
C CYS B 104 -19.51 -14.75 -16.67
N ASP B 105 -19.38 -15.57 -15.63
CA ASP B 105 -20.34 -15.55 -14.51
C ASP B 105 -19.95 -14.51 -13.47
N PHE B 106 -18.65 -14.39 -13.24
CA PHE B 106 -18.13 -13.38 -12.34
C PHE B 106 -17.11 -12.48 -13.01
N ILE B 107 -17.18 -11.19 -12.70
CA ILE B 107 -16.14 -10.26 -13.10
C ILE B 107 -15.43 -9.74 -11.86
N LEU B 108 -14.15 -10.11 -11.74
CA LEU B 108 -13.32 -9.69 -10.62
C LEU B 108 -12.53 -8.49 -11.04
N ILE B 109 -12.75 -7.40 -10.35
CA ILE B 109 -11.99 -6.21 -10.66
C ILE B 109 -11.07 -5.82 -9.51
N ASP B 110 -9.78 -5.74 -9.81
CA ASP B 110 -8.82 -5.28 -8.83
C ASP B 110 -8.51 -3.83 -9.10
N THR B 111 -8.63 -3.00 -8.07
CA THR B 111 -8.34 -1.59 -8.24
C THR B 111 -7.03 -1.16 -7.56
N PRO B 112 -6.53 0.04 -7.92
CA PRO B 112 -5.26 0.58 -7.45
C PRO B 112 -5.47 1.39 -6.19
N GLY B 113 -4.38 1.81 -5.57
CA GLY B 113 -4.43 2.47 -4.28
C GLY B 113 -4.41 3.97 -4.35
N GLY B 114 -5.17 4.51 -5.27
CA GLY B 114 -5.44 5.93 -5.30
C GLY B 114 -6.80 6.13 -5.91
N ASP B 115 -6.97 7.28 -6.54
CA ASP B 115 -8.24 7.65 -7.14
C ASP B 115 -8.09 7.80 -8.66
N SER B 116 -9.14 7.45 -9.40
CA SER B 116 -9.11 7.59 -10.85
C SER B 116 -10.51 7.45 -11.43
N ALA B 117 -10.65 7.77 -12.71
CA ALA B 117 -11.95 7.66 -13.35
C ALA B 117 -12.41 6.21 -13.38
N ILE B 118 -11.56 5.33 -13.91
CA ILE B 118 -11.95 3.94 -14.09
C ILE B 118 -12.24 3.32 -12.73
N THR B 119 -11.45 3.68 -11.73
CA THR B 119 -11.74 3.22 -10.39
C THR B 119 -13.14 3.63 -9.95
N ARG B 120 -13.47 4.90 -10.07
CA ARG B 120 -14.81 5.38 -9.72
C ARG B 120 -15.92 4.70 -10.55
N MET B 121 -15.61 4.40 -11.81
CA MET B 121 -16.55 3.77 -12.69
C MET B 121 -16.85 2.35 -12.24
N ALA B 122 -15.82 1.68 -11.72
CA ALA B 122 -15.97 0.32 -11.28
C ALA B 122 -16.82 0.24 -10.03
N HIS B 123 -16.75 1.26 -9.17
CA HIS B 123 -17.48 1.16 -7.90
C HIS B 123 -18.98 1.30 -8.17
N GLY B 124 -19.32 2.00 -9.25
CA GLY B 124 -20.71 2.22 -9.63
C GLY B 124 -21.38 1.05 -10.34
N ARG B 125 -20.59 0.09 -10.81
CA ARG B 125 -21.12 -1.08 -11.52
C ARG B 125 -20.95 -2.38 -10.73
N ALA B 126 -20.79 -2.27 -9.42
CA ALA B 126 -20.41 -3.43 -8.60
C ALA B 126 -21.55 -3.94 -7.75
N ASP B 127 -21.61 -5.27 -7.62
CA ASP B 127 -22.62 -5.91 -6.79
C ASP B 127 -22.09 -6.11 -5.38
N LEU B 128 -20.81 -6.49 -5.30
CA LEU B 128 -20.11 -6.61 -4.03
C LEU B 128 -18.82 -5.75 -4.04
N VAL B 129 -18.57 -5.03 -2.96
CA VAL B 129 -17.28 -4.36 -2.79
C VAL B 129 -16.53 -4.99 -1.62
N VAL B 130 -15.47 -5.73 -1.92
CA VAL B 130 -14.67 -6.33 -0.88
C VAL B 130 -13.53 -5.38 -0.57
N THR B 131 -13.47 -4.90 0.67
CA THR B 131 -12.48 -3.91 1.07
C THR B 131 -11.62 -4.43 2.20
N PRO B 132 -10.46 -4.99 1.86
CA PRO B 132 -9.55 -5.56 2.86
C PRO B 132 -8.79 -4.42 3.47
N MET B 133 -8.47 -4.48 4.75
CA MET B 133 -7.64 -3.44 5.31
C MET B 133 -6.66 -4.00 6.32
N ASN B 134 -5.60 -3.27 6.61
CA ASN B 134 -4.70 -3.64 7.70
C ASN B 134 -5.27 -3.27 9.05
N ASP B 135 -4.91 -4.08 10.04
CA ASP B 135 -5.29 -3.86 11.41
C ASP B 135 -4.50 -2.66 11.92
N SER B 136 -4.96 -1.45 11.64
CA SER B 136 -4.11 -0.29 11.85
C SER B 136 -4.86 1.00 11.63
N PHE B 137 -4.58 1.98 12.48
CA PHE B 137 -5.28 3.23 12.42
C PHE B 137 -4.88 4.06 11.20
N VAL B 138 -3.69 3.78 10.70
CA VAL B 138 -3.21 4.39 9.49
C VAL B 138 -4.14 4.01 8.33
N ASP B 139 -4.51 2.74 8.21
CA ASP B 139 -5.45 2.33 7.17
C ASP B 139 -6.83 2.87 7.49
N PHE B 140 -7.22 2.71 8.75
CA PHE B 140 -8.55 3.17 9.15
C PHE B 140 -8.87 4.60 8.77
N ASP B 141 -7.85 5.40 8.54
CA ASP B 141 -8.05 6.84 8.34
C ASP B 141 -8.62 7.15 6.97
N MET B 142 -8.57 6.19 6.05
CA MET B 142 -9.21 6.36 4.75
C MET B 142 -10.67 5.92 4.79
N LEU B 143 -11.05 5.21 5.85
CA LEU B 143 -12.46 4.92 6.05
C LEU B 143 -13.17 5.97 6.93
N GLY B 144 -12.57 6.32 8.05
CA GLY B 144 -13.22 7.26 8.94
C GLY B 144 -12.25 8.06 9.78
N THR B 145 -12.60 9.32 10.03
CA THR B 145 -11.77 10.21 10.82
C THR B 145 -12.03 10.10 12.32
N VAL B 146 -10.96 9.82 13.06
CA VAL B 146 -11.04 9.69 14.51
C VAL B 146 -10.38 10.88 15.20
N ASP B 147 -10.93 11.27 16.34
CA ASP B 147 -10.44 12.39 17.14
C ASP B 147 -9.18 12.02 17.93
N PRO B 148 -8.13 12.87 17.87
CA PRO B 148 -6.81 12.65 18.46
C PRO B 148 -6.86 12.61 19.97
N VAL B 149 -7.63 13.50 20.57
CA VAL B 149 -7.78 13.53 22.01
C VAL B 149 -8.88 12.56 22.46
N THR B 150 -10.15 12.94 22.23
CA THR B 150 -11.28 12.08 22.58
C THR B 150 -10.98 10.66 22.09
N LEU B 151 -10.87 10.52 20.77
CA LEU B 151 -10.56 9.25 20.12
C LEU B 151 -11.84 8.64 19.60
N GLU B 152 -12.90 9.43 19.69
CA GLU B 152 -14.15 9.07 19.11
C GLU B 152 -14.05 9.13 17.60
N LEU B 153 -14.75 8.23 16.91
CA LEU B 153 -14.96 8.43 15.50
C LEU B 153 -15.70 9.76 15.39
N THR B 154 -15.73 10.35 14.19
CA THR B 154 -16.05 11.76 14.05
C THR B 154 -16.72 12.11 12.72
N LYS B 155 -16.44 11.32 11.69
CA LYS B 155 -17.04 11.47 10.38
C LYS B 155 -16.50 10.45 9.39
N PRO B 156 -17.26 10.14 8.34
CA PRO B 156 -16.77 9.27 7.27
C PRO B 156 -15.61 9.94 6.57
N SER B 157 -14.88 9.20 5.74
CA SER B 157 -13.65 9.71 5.16
C SER B 157 -13.46 9.29 3.71
N LEU B 158 -12.44 9.85 3.09
CA LEU B 158 -12.23 9.81 1.64
C LEU B 158 -12.79 8.63 0.87
N TYR B 159 -12.46 7.42 1.32
CA TYR B 159 -12.81 6.22 0.57
C TYR B 159 -14.26 5.81 0.88
N SER B 160 -14.68 5.97 2.13
CA SER B 160 -16.09 5.77 2.44
C SER B 160 -16.93 6.47 1.41
N LEU B 161 -16.65 7.75 1.20
CA LEU B 161 -17.36 8.54 0.19
C LEU B 161 -17.27 7.94 -1.20
N THR B 162 -16.13 7.39 -1.56
CA THR B 162 -16.00 6.85 -2.91
C THR B 162 -17.02 5.75 -3.15
N VAL B 163 -17.34 4.97 -2.12
CA VAL B 163 -18.28 3.86 -2.25
C VAL B 163 -19.70 4.37 -2.13
N TRP B 164 -19.88 5.35 -1.26
CA TRP B 164 -21.17 6.02 -1.06
C TRP B 164 -21.66 6.69 -2.34
N GLU B 165 -20.74 7.10 -3.19
CA GLU B 165 -21.12 7.72 -4.45
C GLU B 165 -21.27 6.66 -5.54
N GLY B 166 -20.60 5.52 -5.37
CA GLY B 166 -20.71 4.43 -6.31
C GLY B 166 -22.05 3.73 -6.13
N ARG B 167 -22.75 4.11 -5.06
CA ARG B 167 -24.10 3.60 -4.86
C ARG B 167 -25.09 4.57 -5.47
N LYS B 168 -24.98 5.85 -5.14
CA LYS B 168 -25.81 6.85 -5.79
C LYS B 168 -25.73 6.72 -7.32
N GLN B 169 -24.63 6.17 -7.82
CA GLN B 169 -24.48 5.98 -9.27
C GLN B 169 -25.11 4.65 -9.69
N ARG B 170 -25.38 3.79 -8.72
CA ARG B 170 -26.17 2.58 -8.99
C ARG B 170 -27.65 2.82 -8.73
N ALA B 171 -27.97 3.98 -8.20
CA ALA B 171 -29.36 4.38 -8.01
C ALA B 171 -29.82 5.33 -9.12
N LEU B 172 -29.43 5.01 -10.35
CA LEU B 172 -29.96 5.64 -11.55
C LEU B 172 -30.46 4.50 -12.39
N SER B 173 -29.81 3.36 -12.23
CA SER B 173 -30.17 2.12 -12.90
C SER B 173 -31.02 1.24 -11.96
N GLY B 174 -31.42 1.83 -10.85
CA GLY B 174 -32.21 1.18 -9.82
C GLY B 174 -32.24 -0.34 -9.68
N GLN B 175 -31.50 -0.90 -8.71
CA GLN B 175 -31.68 -2.30 -8.31
C GLN B 175 -30.59 -2.91 -7.43
N ALA B 178 -29.38 -3.82 -4.63
CA ALA B 178 -28.74 -3.41 -3.37
C ALA B 178 -27.29 -3.91 -3.31
N MET B 179 -26.37 -3.01 -2.96
CA MET B 179 -24.93 -3.29 -3.06
C MET B 179 -24.28 -3.77 -1.76
N ASP B 180 -23.74 -4.98 -1.78
CA ASP B 180 -23.10 -5.50 -0.59
C ASP B 180 -21.72 -4.86 -0.41
N TRP B 181 -21.42 -4.43 0.80
CA TRP B 181 -20.11 -3.91 1.09
C TRP B 181 -19.51 -4.58 2.32
N VAL B 182 -18.42 -5.32 2.10
CA VAL B 182 -17.72 -6.04 3.15
C VAL B 182 -16.30 -5.51 3.43
N VAL B 183 -16.04 -5.12 4.67
CA VAL B 183 -14.70 -4.76 5.11
C VAL B 183 -14.10 -5.86 5.96
N LEU B 184 -13.02 -6.49 5.50
CA LEU B 184 -12.35 -7.47 6.33
C LEU B 184 -10.89 -7.08 6.68
N ARG B 185 -10.45 -7.49 7.86
CA ARG B 185 -9.10 -7.17 8.31
C ARG B 185 -8.09 -8.22 7.86
N ASN B 186 -7.01 -7.76 7.27
CA ASN B 186 -6.08 -8.62 6.57
C ASN B 186 -4.69 -8.48 7.19
N ARG B 187 -3.80 -9.42 6.90
CA ARG B 187 -2.48 -9.51 7.54
C ARG B 187 -2.48 -9.45 9.07
N LEU B 188 -3.45 -10.11 9.69
CA LEU B 188 -3.49 -10.19 11.14
C LEU B 188 -2.28 -10.95 11.69
N ALA B 189 -1.77 -10.46 12.81
CA ALA B 189 -0.66 -11.09 13.49
C ALA B 189 -1.11 -11.56 14.88
N THR B 190 -0.11 -11.91 15.71
CA THR B 190 -0.30 -12.56 17.00
C THR B 190 -1.04 -11.75 18.08
N THR B 191 -0.29 -10.95 18.84
CA THR B 191 -0.80 -10.28 20.04
C THR B 191 -1.73 -9.10 19.72
N GLU B 192 -1.13 -7.92 19.56
CA GLU B 192 -1.83 -6.73 19.10
C GLU B 192 -3.15 -6.43 19.78
N ALA B 193 -3.41 -7.13 20.89
CA ALA B 193 -4.71 -7.12 21.57
C ALA B 193 -5.31 -5.74 21.82
N ARG B 194 -4.55 -4.87 22.49
CA ARG B 194 -5.02 -3.54 22.84
C ARG B 194 -5.41 -2.71 21.62
N ASN B 195 -4.54 -2.71 20.61
CA ASN B 195 -4.79 -2.02 19.36
C ASN B 195 -5.92 -2.67 18.56
N ARG B 196 -5.93 -4.00 18.51
CA ARG B 196 -6.98 -4.74 17.80
C ARG B 196 -8.36 -4.48 18.40
N LYS B 197 -8.39 -4.12 19.67
CA LYS B 197 -9.65 -3.82 20.33
C LYS B 197 -10.07 -2.38 20.03
N ARG B 198 -9.20 -1.42 20.33
CA ARG B 198 -9.54 -0.01 20.10
C ARG B 198 -10.02 0.12 18.68
N LEU B 199 -9.41 -0.66 17.78
CA LEU B 199 -9.76 -0.55 16.38
C LEU B 199 -11.11 -1.20 16.13
N GLU B 200 -11.31 -2.39 16.68
CA GLU B 200 -12.56 -3.10 16.45
C GLU B 200 -13.78 -2.29 16.86
N ASP B 201 -13.68 -1.50 17.92
CA ASP B 201 -14.79 -0.62 18.32
C ASP B 201 -15.16 0.39 17.24
N ARG B 202 -14.19 1.18 16.78
CA ARG B 202 -14.43 2.18 15.75
C ARG B 202 -14.94 1.49 14.48
N LEU B 203 -14.37 0.35 14.20
CA LEU B 203 -14.77 -0.39 13.02
C LEU B 203 -16.28 -0.64 13.00
N ASN B 204 -16.83 -0.95 14.16
CA ASN B 204 -18.24 -1.23 14.26
C ASN B 204 -19.06 0.05 14.17
N ALA B 205 -18.63 1.07 14.91
CA ALA B 205 -19.35 2.33 14.95
C ALA B 205 -19.50 2.85 13.53
N LEU B 206 -18.41 2.73 12.78
CA LEU B 206 -18.38 3.21 11.42
C LEU B 206 -19.29 2.41 10.52
N ALA B 207 -19.37 1.10 10.74
CA ALA B 207 -20.26 0.26 9.95
C ALA B 207 -21.69 0.79 10.00
N LYS B 208 -22.18 1.11 11.21
CA LYS B 208 -23.52 1.66 11.39
C LYS B 208 -23.70 2.96 10.65
N ARG B 209 -22.65 3.77 10.55
CA ARG B 209 -22.76 5.07 9.90
C ARG B 209 -22.68 4.99 8.38
N VAL B 210 -21.94 4.03 7.87
CA VAL B 210 -21.58 4.02 6.46
C VAL B 210 -22.14 2.85 5.68
N GLY B 211 -22.58 1.81 6.39
CA GLY B 211 -23.28 0.73 5.73
C GLY B 211 -22.42 -0.34 5.09
N PHE B 212 -21.44 -0.84 5.83
CA PHE B 212 -20.79 -2.07 5.45
C PHE B 212 -20.91 -3.05 6.58
N ARG B 213 -20.54 -4.29 6.29
CA ARG B 213 -20.52 -5.32 7.31
C ARG B 213 -19.15 -5.97 7.35
N ILE B 214 -18.68 -6.22 8.56
CA ILE B 214 -17.34 -6.76 8.71
C ILE B 214 -17.27 -8.24 8.36
N GLY B 215 -16.29 -8.61 7.57
CA GLY B 215 -16.02 -10.01 7.29
C GLY B 215 -14.79 -10.53 8.03
N PRO B 216 -14.55 -11.83 7.91
CA PRO B 216 -13.51 -12.54 8.64
C PRO B 216 -12.14 -12.19 8.09
N GLY B 217 -11.17 -11.99 8.97
CA GLY B 217 -9.83 -11.62 8.53
C GLY B 217 -9.01 -12.75 7.95
N LEU B 218 -7.97 -12.37 7.19
CA LEU B 218 -6.90 -13.29 6.86
C LEU B 218 -5.74 -12.95 7.77
N ARG B 219 -4.83 -13.90 7.95
CA ARG B 219 -3.71 -13.62 8.82
C ARG B 219 -2.50 -13.55 7.95
N ASP B 220 -1.47 -12.89 8.46
CA ASP B 220 -0.19 -12.76 7.76
C ASP B 220 0.36 -14.17 7.54
N ARG B 221 0.60 -14.55 6.29
CA ARG B 221 0.97 -15.91 5.98
C ARG B 221 1.81 -16.05 4.72
N VAL B 222 3.01 -16.61 4.86
CA VAL B 222 3.94 -16.73 3.75
C VAL B 222 3.29 -17.33 2.51
N ILE B 223 2.36 -18.24 2.73
CA ILE B 223 1.74 -18.97 1.63
C ILE B 223 0.83 -18.08 0.78
N TYR B 224 0.38 -16.98 1.35
CA TYR B 224 -0.43 -16.00 0.63
C TYR B 224 0.41 -15.12 -0.31
N ARG B 225 1.72 -15.28 -0.28
CA ARG B 225 2.58 -14.31 -0.90
C ARG B 225 3.73 -14.99 -1.61
N GLU B 226 3.93 -16.24 -1.23
CA GLU B 226 5.13 -16.97 -1.57
C GLU B 226 5.06 -17.52 -2.99
N LEU B 227 3.85 -17.71 -3.51
CA LEU B 227 3.68 -18.38 -4.78
C LEU B 227 3.48 -17.41 -5.94
N PHE B 228 3.57 -16.12 -5.67
CA PHE B 228 3.32 -15.13 -6.69
C PHE B 228 4.19 -15.32 -7.95
N PRO B 229 5.45 -15.70 -7.79
CA PRO B 229 6.28 -15.81 -9.00
C PRO B 229 5.82 -16.90 -9.98
N PHE B 230 5.04 -17.85 -9.47
CA PHE B 230 4.58 -18.97 -10.28
C PHE B 230 3.16 -18.76 -10.76
N GLY B 231 2.48 -17.78 -10.16
CA GLY B 231 1.08 -17.57 -10.44
C GLY B 231 0.30 -18.77 -9.94
N LEU B 232 0.53 -19.13 -8.69
CA LEU B 232 -0.23 -20.21 -8.07
C LEU B 232 -0.77 -19.72 -6.72
N THR B 233 -1.73 -20.47 -6.15
CA THR B 233 -2.23 -20.18 -4.80
C THR B 233 -2.41 -21.48 -4.03
N ILE B 234 -2.91 -21.42 -2.80
CA ILE B 234 -3.09 -22.63 -1.99
C ILE B 234 -4.09 -23.54 -2.67
N ALA B 235 -5.06 -22.93 -3.33
CA ALA B 235 -6.11 -23.69 -3.99
C ALA B 235 -5.55 -24.59 -5.10
N ASP B 236 -4.28 -24.40 -5.44
CA ASP B 236 -3.65 -25.20 -6.49
C ASP B 236 -2.81 -26.34 -5.95
N LEU B 237 -2.59 -26.35 -4.65
CA LEU B 237 -1.64 -27.31 -4.08
C LEU B 237 -2.36 -28.53 -3.51
N SER B 238 -3.62 -28.73 -3.86
CA SER B 238 -4.40 -29.72 -3.12
C SER B 238 -3.97 -31.16 -3.39
N PRO B 239 -4.34 -32.07 -2.47
CA PRO B 239 -3.99 -33.49 -2.54
C PRO B 239 -4.71 -34.19 -3.68
N GLN B 240 -5.92 -33.70 -3.98
CA GLN B 240 -6.69 -34.19 -5.13
C GLN B 240 -5.88 -34.15 -6.45
N PRO B 243 3.16 -34.98 -6.26
CA PRO B 243 2.45 -35.46 -5.08
C PRO B 243 1.78 -34.30 -4.32
N VAL B 244 1.51 -34.49 -3.03
CA VAL B 244 0.86 -33.44 -2.24
C VAL B 244 1.23 -33.47 -0.74
N PRO B 245 2.08 -32.53 -0.30
CA PRO B 245 2.44 -32.38 1.12
C PRO B 245 1.57 -31.34 1.84
N VAL B 246 0.73 -31.75 2.78
CA VAL B 246 -0.14 -30.82 3.46
C VAL B 246 0.36 -30.45 4.86
N SER B 247 0.36 -29.16 5.19
CA SER B 247 0.82 -28.70 6.50
C SER B 247 -0.32 -28.12 7.30
N LEU B 248 -0.10 -27.94 8.61
CA LEU B 248 -1.14 -27.35 9.48
C LEU B 248 -1.47 -25.93 8.99
N GLN B 249 -0.43 -25.19 8.61
CA GLN B 249 -0.56 -23.84 8.07
C GLN B 249 -1.38 -23.79 6.78
N HIS B 250 -1.06 -24.66 5.81
CA HIS B 250 -1.89 -24.77 4.61
C HIS B 250 -3.34 -24.97 4.98
N LEU B 251 -3.57 -25.79 6.01
CA LEU B 251 -4.93 -26.12 6.40
C LEU B 251 -5.65 -24.94 7.05
N ALA B 252 -4.97 -24.24 7.96
CA ALA B 252 -5.55 -23.01 8.52
C ALA B 252 -5.91 -22.03 7.41
N ALA B 253 -5.05 -21.93 6.40
CA ALA B 253 -5.21 -20.98 5.29
C ALA B 253 -6.44 -21.28 4.43
N ARG B 254 -6.56 -22.50 3.94
CA ARG B 254 -7.72 -22.84 3.11
C ARG B 254 -8.98 -22.73 3.94
N GLN B 255 -8.83 -22.93 5.25
CA GLN B 255 -9.90 -22.63 6.21
C GLN B 255 -10.39 -21.20 6.12
N GLU B 256 -9.50 -20.23 6.36
CA GLU B 256 -9.85 -18.80 6.32
C GLU B 256 -10.46 -18.37 4.99
N LEU B 257 -9.88 -18.87 3.91
CA LEU B 257 -10.36 -18.54 2.61
C LEU B 257 -11.80 -19.00 2.53
N ARG B 258 -12.04 -20.23 2.95
CA ARG B 258 -13.38 -20.78 2.91
C ARG B 258 -14.31 -19.92 3.74
N ALA B 259 -13.96 -19.64 4.99
CA ALA B 259 -14.81 -18.79 5.82
C ALA B 259 -15.14 -17.52 5.07
N LEU B 260 -14.10 -16.92 4.49
CA LEU B 260 -14.22 -15.69 3.74
C LEU B 260 -15.24 -15.85 2.62
N MET B 261 -14.99 -16.76 1.70
CA MET B 261 -15.94 -17.12 0.65
C MET B 261 -17.39 -17.18 1.10
N HIS B 262 -17.66 -17.83 2.22
CA HIS B 262 -19.05 -17.92 2.66
C HIS B 262 -19.62 -16.56 2.97
N SER B 263 -18.89 -15.81 3.80
CA SER B 263 -19.31 -14.49 4.23
C SER B 263 -19.60 -13.53 3.06
N LEU B 264 -19.06 -13.85 1.88
CA LEU B 264 -19.33 -13.03 0.71
C LEU B 264 -20.48 -13.64 -0.07
N GLY B 265 -21.11 -14.66 0.52
CA GLY B 265 -22.22 -15.35 -0.10
C GLY B 265 -21.79 -16.03 -1.39
N LEU B 266 -20.67 -16.73 -1.34
CA LEU B 266 -20.20 -17.49 -2.48
C LEU B 266 -20.06 -18.93 -2.04
N SER B 267 -20.76 -19.27 -0.97
CA SER B 267 -20.74 -20.62 -0.43
C SER B 267 -20.94 -21.63 -1.55
N ALA B 268 -21.76 -21.27 -2.53
CA ALA B 268 -21.98 -22.10 -3.71
C ALA B 268 -20.70 -22.62 -4.40
N TYR B 269 -19.53 -22.05 -4.07
CA TYR B 269 -18.28 -22.34 -4.81
C TYR B 269 -17.08 -22.76 -3.97
N SER B 270 -17.29 -23.00 -2.67
CA SER B 270 -16.23 -23.53 -1.82
C SER B 270 -16.01 -25.04 -1.96
N GLY B 271 -16.09 -25.76 -0.84
CA GLY B 271 -15.88 -27.19 -0.81
C GLY B 271 -16.66 -27.86 0.31
MG MG C . 0.86 6.61 3.13
PG AGS D . 0.74 4.16 0.57
S1G AGS D . 0.91 3.69 -0.87
O2G AGS D . -0.67 4.10 1.11
O3G AGS D . 1.38 5.50 0.91
PB AGS D . 2.80 3.50 2.47
O1B AGS D . 4.04 3.08 1.72
O2B AGS D . 2.56 4.90 3.00
O3B AGS D . 1.57 3.11 1.48
PA AGS D . 2.38 2.77 5.18
O1A AGS D . 3.56 3.52 5.78
O2A AGS D . 1.02 3.34 5.34
O3A AGS D . 2.65 2.45 3.65
O5' AGS D . 2.38 1.27 5.72
C5' AGS D . 1.39 0.36 5.28
C4' AGS D . 0.61 -0.22 6.48
O4' AGS D . 1.57 -0.92 7.23
C3' AGS D . 0.06 0.81 7.45
O3' AGS D . -1.12 0.27 8.04
C2' AGS D . 1.07 0.95 8.58
O2' AGS D . 0.37 1.28 9.78
C1' AGS D . 1.68 -0.44 8.56
N9 AGS D . 3.13 -0.63 8.79
C8 AGS D . 4.13 -0.24 7.97
N7 AGS D . 5.35 -0.62 8.45
C5 AGS D . 5.11 -1.28 9.60
C6 AGS D . 5.92 -1.94 10.61
N6 AGS D . 7.26 -1.96 10.47
N1 AGS D . 5.28 -2.51 11.64
C2 AGS D . 3.95 -2.49 11.80
N3 AGS D . 3.13 -1.90 10.92
C4 AGS D . 3.66 -1.30 9.82
MG MG E . -1.72 -4.25 -6.32
PG AGS F . -1.55 -1.61 -4.00
S1G AGS F . -2.40 -2.23 -5.09
O2G AGS F . -2.07 -0.32 -3.36
O3G AGS F . -0.09 -1.57 -4.33
PB AGS F . -2.65 -3.94 -2.61
O1B AGS F . -3.79 -3.36 -1.84
O2B AGS F . -2.78 -4.58 -3.95
O3B AGS F . -1.59 -2.71 -2.80
PA AGS F . -1.26 -6.31 -1.97
O1A AGS F . -2.45 -7.19 -2.20
O2A AGS F . -0.17 -6.29 -2.99
O3A AGS F . -1.86 -4.87 -1.57
O5' AGS F . -0.59 -6.71 -0.57
C5' AGS F . 0.39 -5.90 0.05
C4' AGS F . 1.58 -6.80 0.45
O4' AGS F . 1.16 -7.69 1.46
C3' AGS F . 2.12 -7.69 -0.66
O3' AGS F . 3.55 -7.80 -0.57
C2' AGS F . 1.52 -9.05 -0.42
O2' AGS F . 2.60 -9.90 -0.73
C1' AGS F . 1.30 -9.07 1.06
N9 AGS F . 0.09 -9.67 1.70
C8 AGS F . -1.15 -9.14 1.64
N7 AGS F . -2.00 -9.86 2.40
C5 AGS F . -1.30 -10.85 3.00
C6 AGS F . -1.64 -11.96 3.95
N6 AGS F . -2.90 -12.14 4.41
N1 AGS F . -0.62 -12.77 4.31
C2 AGS F . 0.65 -12.59 3.85
N3 AGS F . 1.01 -11.60 3.01
C4 AGS F . 0.08 -10.72 2.55
#